data_7O5G
#
_entry.id   7O5G
#
_cell.length_a   82.672
_cell.length_b   112.330
_cell.length_c   62.688
_cell.angle_alpha   90.000
_cell.angle_beta   90.000
_cell.angle_gamma   90.000
#
_symmetry.space_group_name_H-M   'C 2 2 21'
#
loop_
_entity.id
_entity.type
_entity.pdbx_description
1 polymer '14-3-3 protein sigma'
2 polymer 'Transcription factor p65'
3 non-polymer 'CHLORIDE ION'
4 non-polymer 4-(4-methanoylphenyl)carbonyl-~{N},~{N}-dimethyl-piperazine-1-carboxamide
5 non-polymer DI(HYDROXYETHYL)ETHER
6 non-polymer 'MAGNESIUM ION'
7 water water
#
loop_
_entity_poly.entity_id
_entity_poly.type
_entity_poly.pdbx_seq_one_letter_code
_entity_poly.pdbx_strand_id
1 'polypeptide(L)'
;GAMGSMERASLIQKAKLAEQAERYEDMAAFMKGAVEKGEELS(CSO)EERNLLSVAYKNVVGGQRAAWRVLSSIEQKSNE
EGSEEKGPEVREYREKVETELQGVCDTVLGLLDSHLIKEAGDAESRVFYLKMKGDYYRYLAEVATGDDKKRIIDSARSAY
QEAMDISKKEMPPTNPIRLGLALNFSVFHYEIANSPEEAISLAKTTFDEAMADLHTLSEDSYKDSTLIMQLLRDNLTLWT
;
A
2 'polypeptide(L)' EGRSAG(SEP)IPGRRS P
#
# COMPACT_ATOMS: atom_id res chain seq x y z
N MET A 3 -10.01 18.75 10.55
CA MET A 3 -8.92 19.04 11.48
C MET A 3 -8.40 20.44 11.18
N GLY A 4 -9.26 21.26 10.58
CA GLY A 4 -8.82 22.55 10.06
C GLY A 4 -8.34 23.52 11.13
N SER A 5 -8.83 23.39 12.35
N SER A 5 -8.84 23.38 12.35
CA SER A 5 -8.44 24.34 13.39
CA SER A 5 -8.48 24.28 13.44
C SER A 5 -7.20 23.90 14.15
C SER A 5 -7.16 23.93 14.11
N MET A 6 -6.64 22.72 13.88
CA MET A 6 -5.44 22.25 14.55
C MET A 6 -4.17 22.52 13.74
N GLU A 7 -3.12 22.93 14.44
CA GLU A 7 -1.83 23.18 13.81
C GLU A 7 -1.30 21.91 13.12
N ARG A 8 -0.65 22.10 11.97
CA ARG A 8 0.00 21.00 11.27
C ARG A 8 0.91 20.21 12.21
N ALA A 9 1.77 20.91 12.95
CA ALA A 9 2.73 20.22 13.81
C ALA A 9 2.02 19.43 14.90
N SER A 10 0.91 19.97 15.41
CA SER A 10 0.13 19.26 16.43
C SER A 10 -0.51 18.00 15.87
N LEU A 11 -1.02 18.09 14.63
CA LEU A 11 -1.57 16.91 13.96
C LEU A 11 -0.50 15.83 13.80
N ILE A 12 0.71 16.21 13.41
CA ILE A 12 1.79 15.25 13.27
C ILE A 12 2.13 14.63 14.62
N GLN A 13 2.27 15.49 15.64
CA GLN A 13 2.58 14.99 16.99
C GLN A 13 1.51 14.03 17.47
N LYS A 14 0.23 14.34 17.24
CA LYS A 14 -0.84 13.46 17.69
C LYS A 14 -0.91 12.18 16.86
N ALA A 15 -0.55 12.24 15.57
CA ALA A 15 -0.47 11.01 14.79
C ALA A 15 0.56 10.06 15.40
N LYS A 16 1.69 10.58 15.85
CA LYS A 16 2.70 9.72 16.47
C LYS A 16 2.19 9.15 17.79
N LEU A 17 1.45 9.95 18.55
CA LEU A 17 0.87 9.47 19.79
C LEU A 17 -0.16 8.38 19.53
N ALA A 18 -0.98 8.56 18.50
CA ALA A 18 -2.00 7.56 18.18
C ALA A 18 -1.36 6.24 17.74
N GLU A 19 -0.26 6.32 16.98
CA GLU A 19 0.45 5.09 16.63
C GLU A 19 0.92 4.35 17.87
N GLN A 20 1.47 5.08 18.84
CA GLN A 20 1.93 4.44 20.07
C GLN A 20 0.77 3.83 20.84
N ALA A 21 -0.41 4.43 20.77
CA ALA A 21 -1.59 3.92 21.44
C ALA A 21 -2.37 2.92 20.59
N GLU A 22 -1.86 2.60 19.40
CA GLU A 22 -2.52 1.70 18.44
C GLU A 22 -3.93 2.17 18.12
N ARG A 23 -4.09 3.50 18.03
CA ARG A 23 -5.37 4.12 17.67
C ARG A 23 -5.26 4.57 16.22
N TYR A 24 -5.37 3.60 15.31
CA TYR A 24 -5.03 3.86 13.91
C TYR A 24 -6.09 4.67 13.17
N GLU A 25 -7.35 4.57 13.57
N GLU A 25 -7.36 4.57 13.56
CA GLU A 25 -8.38 5.43 12.97
CA GLU A 25 -8.37 5.44 12.97
C GLU A 25 -8.10 6.90 13.31
C GLU A 25 -8.08 6.90 13.30
N ASP A 26 -7.77 7.19 14.57
CA ASP A 26 -7.33 8.53 14.95
C ASP A 26 -6.10 8.94 14.18
N MET A 27 -5.12 8.03 14.08
CA MET A 27 -3.88 8.33 13.36
C MET A 27 -4.15 8.76 11.93
N ALA A 28 -5.05 8.04 11.25
CA ALA A 28 -5.37 8.37 9.87
C ALA A 28 -6.07 9.71 9.77
N ALA A 29 -6.96 10.01 10.72
CA ALA A 29 -7.65 11.29 10.69
C ALA A 29 -6.69 12.44 10.94
N PHE A 30 -5.73 12.26 11.85
CA PHE A 30 -4.71 13.29 12.07
C PHE A 30 -3.86 13.49 10.82
N MET A 31 -3.39 12.41 10.20
CA MET A 31 -2.60 12.53 8.97
C MET A 31 -3.41 13.07 7.79
N LYS A 32 -4.70 12.74 7.70
CA LYS A 32 -5.53 13.36 6.68
C LYS A 32 -5.57 14.87 6.87
N GLY A 33 -5.77 15.32 8.11
CA GLY A 33 -5.74 16.75 8.39
C GLY A 33 -4.41 17.38 8.04
N ALA A 34 -3.30 16.68 8.33
CA ALA A 34 -1.97 17.21 8.00
C ALA A 34 -1.82 17.38 6.49
N VAL A 35 -2.23 16.37 5.72
CA VAL A 35 -2.16 16.47 4.27
C VAL A 35 -2.96 17.67 3.77
N GLU A 36 -4.16 17.86 4.34
CA GLU A 36 -5.05 18.91 3.86
C GLU A 36 -4.57 20.31 4.23
N LYS A 37 -3.52 20.43 5.04
CA LYS A 37 -2.87 21.72 5.22
C LYS A 37 -2.21 22.22 3.93
N GLY A 38 -1.95 21.34 2.98
CA GLY A 38 -1.50 21.73 1.65
C GLY A 38 -0.01 21.71 1.43
N GLU A 39 0.79 21.49 2.48
CA GLU A 39 2.24 21.42 2.33
C GLU A 39 2.65 20.00 1.95
N GLU A 40 3.78 19.88 1.27
CA GLU A 40 4.31 18.56 0.97
C GLU A 40 4.67 17.84 2.28
N LEU A 41 4.81 16.52 2.19
CA LEU A 41 5.11 15.71 3.36
C LEU A 41 6.57 15.27 3.35
N SER A 42 7.18 15.28 4.53
CA SER A 42 8.54 14.76 4.71
C SER A 42 8.54 13.24 4.60
N GLU A 44 9.43 11.01 6.88
CA GLU A 44 8.78 10.48 8.08
C GLU A 44 7.26 10.67 8.04
N GLU A 45 6.83 11.83 7.56
CA GLU A 45 5.40 12.13 7.48
C GLU A 45 4.69 11.22 6.48
N ARG A 46 5.34 10.94 5.34
CA ARG A 46 4.76 10.00 4.40
C ARG A 46 4.61 8.63 5.04
N ASN A 47 5.60 8.19 5.82
CA ASN A 47 5.48 6.92 6.53
C ASN A 47 4.30 6.93 7.49
N LEU A 48 4.10 8.05 8.19
CA LEU A 48 2.98 8.12 9.14
C LEU A 48 1.65 7.99 8.42
N LEU A 49 1.50 8.70 7.30
CA LEU A 49 0.29 8.60 6.49
C LEU A 49 0.04 7.16 6.07
N SER A 50 1.08 6.51 5.55
CA SER A 50 0.95 5.15 5.02
C SER A 50 0.64 4.15 6.12
N VAL A 51 1.35 4.23 7.25
CA VAL A 51 1.12 3.28 8.34
C VAL A 51 -0.31 3.39 8.86
N ALA A 52 -0.80 4.63 8.98
CA ALA A 52 -2.14 4.83 9.54
C ALA A 52 -3.19 4.17 8.66
N TYR A 53 -3.18 4.46 7.36
CA TYR A 53 -4.24 3.95 6.52
C TYR A 53 -4.04 2.47 6.22
N LYS A 54 -2.80 2.00 6.21
CA LYS A 54 -2.58 0.56 6.02
C LYS A 54 -3.20 -0.25 7.14
N ASN A 55 -3.09 0.25 8.37
CA ASN A 55 -3.67 -0.44 9.52
C ASN A 55 -5.19 -0.39 9.46
N VAL A 56 -5.74 0.77 9.11
CA VAL A 56 -7.20 0.92 9.07
C VAL A 56 -7.79 -0.02 8.02
N VAL A 57 -7.28 0.05 6.80
N VAL A 57 -7.29 0.05 6.79
CA VAL A 57 -7.81 -0.77 5.73
CA VAL A 57 -7.82 -0.81 5.74
C VAL A 57 -7.45 -2.25 5.95
C VAL A 57 -7.49 -2.27 6.03
N GLY A 58 -6.34 -2.52 6.66
CA GLY A 58 -5.97 -3.89 6.95
C GLY A 58 -6.99 -4.58 7.83
N GLY A 59 -7.49 -3.87 8.85
CA GLY A 59 -8.56 -4.42 9.66
C GLY A 59 -9.85 -4.61 8.88
N GLN A 60 -10.16 -3.68 7.98
CA GLN A 60 -11.37 -3.80 7.17
C GLN A 60 -11.26 -4.98 6.22
N ARG A 61 -10.08 -5.16 5.61
CA ARG A 61 -9.88 -6.28 4.69
C ARG A 61 -10.01 -7.61 5.41
N ALA A 62 -9.42 -7.71 6.61
CA ALA A 62 -9.51 -8.93 7.39
C ALA A 62 -10.96 -9.25 7.72
N ALA A 63 -11.73 -8.24 8.13
CA ALA A 63 -13.13 -8.46 8.45
C ALA A 63 -13.93 -8.84 7.20
N TRP A 64 -13.66 -8.17 6.08
CA TRP A 64 -14.34 -8.49 4.84
C TRP A 64 -14.11 -9.94 4.44
N ARG A 65 -12.88 -10.43 4.59
CA ARG A 65 -12.60 -11.82 4.23
C ARG A 65 -13.33 -12.80 5.14
N VAL A 66 -13.39 -12.50 6.44
CA VAL A 66 -14.16 -13.37 7.35
C VAL A 66 -15.61 -13.44 6.89
N LEU A 67 -16.22 -12.28 6.61
CA LEU A 67 -17.63 -12.24 6.25
C LEU A 67 -17.87 -12.82 4.86
N SER A 68 -16.96 -12.57 3.91
N SER A 68 -16.96 -12.56 3.92
CA SER A 68 -17.12 -13.14 2.58
CA SER A 68 -17.10 -13.14 2.59
C SER A 68 -17.08 -14.66 2.64
C SER A 68 -17.08 -14.66 2.65
N SER A 69 -16.22 -15.22 3.50
CA SER A 69 -16.14 -16.67 3.64
C SER A 69 -17.44 -17.23 4.23
N ILE A 70 -17.96 -16.59 5.28
CA ILE A 70 -19.25 -17.01 5.83
C ILE A 70 -20.34 -16.92 4.76
N GLU A 71 -20.34 -15.85 3.97
CA GLU A 71 -21.35 -15.67 2.94
C GLU A 71 -21.26 -16.79 1.90
N GLN A 72 -20.04 -17.13 1.46
CA GLN A 72 -19.84 -18.22 0.50
C GLN A 72 -20.35 -19.54 1.06
N LYS A 73 -20.03 -19.86 2.32
CA LYS A 73 -20.49 -21.10 2.91
C LYS A 73 -22.01 -21.17 2.91
N SER A 74 -22.68 -20.03 3.09
CA SER A 74 -24.13 -20.02 3.14
C SER A 74 -24.76 -20.11 1.77
N ASN A 75 -24.01 -19.84 0.70
CA ASN A 75 -24.56 -19.90 -0.64
C ASN A 75 -24.62 -21.35 -1.15
N GLY A 83 -30.92 -15.94 5.74
CA GLY A 83 -31.50 -14.64 5.43
C GLY A 83 -30.52 -13.68 4.82
N PRO A 84 -30.91 -12.40 4.71
CA PRO A 84 -30.03 -11.41 4.07
C PRO A 84 -28.92 -10.87 4.96
N GLU A 85 -28.81 -11.32 6.22
CA GLU A 85 -27.97 -10.62 7.19
C GLU A 85 -26.48 -10.69 6.83
N VAL A 86 -25.98 -11.88 6.48
CA VAL A 86 -24.55 -11.99 6.18
C VAL A 86 -24.18 -11.11 4.99
N ARG A 87 -24.99 -11.16 3.93
CA ARG A 87 -24.71 -10.32 2.77
C ARG A 87 -24.79 -8.84 3.15
N GLU A 88 -25.83 -8.47 3.91
CA GLU A 88 -26.00 -7.06 4.27
C GLU A 88 -24.78 -6.56 5.05
N TYR A 89 -24.29 -7.35 5.99
CA TYR A 89 -23.20 -6.89 6.84
C TYR A 89 -21.88 -6.89 6.09
N ARG A 90 -21.66 -7.89 5.22
CA ARG A 90 -20.48 -7.86 4.35
C ARG A 90 -20.52 -6.61 3.45
N GLU A 91 -21.71 -6.28 2.93
CA GLU A 91 -21.85 -5.08 2.11
C GLU A 91 -21.54 -3.81 2.91
N LYS A 92 -21.95 -3.78 4.18
CA LYS A 92 -21.64 -2.64 5.04
C LYS A 92 -20.14 -2.48 5.21
N VAL A 93 -19.45 -3.55 5.60
CA VAL A 93 -18.00 -3.49 5.76
C VAL A 93 -17.33 -3.12 4.45
N GLU A 94 -17.82 -3.69 3.35
CA GLU A 94 -17.21 -3.46 2.05
C GLU A 94 -17.33 -1.99 1.66
N THR A 95 -18.49 -1.41 1.94
CA THR A 95 -18.70 0.01 1.65
C THR A 95 -17.79 0.90 2.48
N GLU A 96 -17.59 0.55 3.76
N GLU A 96 -17.57 0.53 3.75
CA GLU A 96 -16.68 1.33 4.60
CA GLU A 96 -16.69 1.31 4.62
C GLU A 96 -15.25 1.22 4.08
C GLU A 96 -15.24 1.20 4.15
N LEU A 97 -14.84 0.00 3.70
CA LEU A 97 -13.51 -0.18 3.12
C LEU A 97 -13.33 0.66 1.86
N GLN A 98 -14.31 0.62 0.96
CA GLN A 98 -14.21 1.41 -0.26
C GLN A 98 -14.15 2.90 0.05
N GLY A 99 -14.85 3.32 1.10
CA GLY A 99 -14.77 4.72 1.49
C GLY A 99 -13.38 5.13 1.94
N VAL A 100 -12.71 4.27 2.70
CA VAL A 100 -11.36 4.58 3.16
C VAL A 100 -10.40 4.61 1.96
N CYS A 101 -10.51 3.62 1.06
CA CYS A 101 -9.67 3.62 -0.12
C CYS A 101 -9.87 4.88 -0.94
N ASP A 102 -11.14 5.27 -1.15
CA ASP A 102 -11.43 6.48 -1.91
C ASP A 102 -10.84 7.70 -1.23
N THR A 103 -10.86 7.73 0.09
CA THR A 103 -10.29 8.87 0.82
C THR A 103 -8.79 8.98 0.57
N VAL A 104 -8.07 7.86 0.68
CA VAL A 104 -6.63 7.88 0.45
C VAL A 104 -6.33 8.28 -0.98
N LEU A 105 -7.03 7.68 -1.93
CA LEU A 105 -6.83 8.01 -3.33
C LEU A 105 -7.11 9.49 -3.59
N GLY A 106 -8.10 10.04 -2.88
CA GLY A 106 -8.38 11.47 -3.02
C GLY A 106 -7.26 12.33 -2.51
N LEU A 107 -6.62 11.92 -1.41
CA LEU A 107 -5.47 12.67 -0.90
C LEU A 107 -4.31 12.62 -1.88
N LEU A 108 -4.07 11.44 -2.46
CA LEU A 108 -2.99 11.31 -3.43
C LEU A 108 -3.25 12.19 -4.65
N ASP A 109 -4.51 12.27 -5.08
CA ASP A 109 -4.87 13.04 -6.26
C ASP A 109 -5.05 14.52 -5.98
N SER A 110 -5.18 14.92 -4.70
CA SER A 110 -5.46 16.29 -4.33
C SER A 110 -4.70 16.62 -3.05
N HIS A 111 -3.38 16.88 -3.15
CA HIS A 111 -2.65 17.03 -4.40
C HIS A 111 -1.25 16.46 -4.23
N LEU A 112 -1.14 15.35 -3.49
CA LEU A 112 0.18 14.84 -3.11
C LEU A 112 1.01 14.46 -4.33
N ILE A 113 0.42 13.71 -5.26
CA ILE A 113 1.21 13.18 -6.37
C ILE A 113 1.70 14.30 -7.28
N LYS A 114 0.81 15.24 -7.63
CA LYS A 114 1.20 16.26 -8.59
C LYS A 114 2.30 17.17 -8.04
N GLU A 115 2.38 17.32 -6.72
CA GLU A 115 3.44 18.13 -6.15
C GLU A 115 4.68 17.34 -5.79
N ALA A 116 4.72 16.03 -6.04
CA ALA A 116 5.87 15.22 -5.63
C ALA A 116 6.86 15.17 -6.79
N GLY A 117 8.00 15.85 -6.64
CA GLY A 117 8.98 15.92 -7.70
C GLY A 117 10.17 15.00 -7.53
N ASP A 118 10.55 14.73 -6.29
CA ASP A 118 11.66 13.82 -6.04
C ASP A 118 11.23 12.38 -6.25
N ALA A 119 12.18 11.56 -6.70
CA ALA A 119 11.92 10.14 -6.94
C ALA A 119 11.35 9.46 -5.69
N GLU A 120 11.93 9.74 -4.53
CA GLU A 120 11.51 9.07 -3.31
C GLU A 120 10.05 9.35 -3.01
N SER A 121 9.62 10.61 -3.12
N SER A 121 9.62 10.60 -3.19
CA SER A 121 8.25 10.93 -2.78
CA SER A 121 8.26 11.00 -2.87
C SER A 121 7.29 10.46 -3.86
C SER A 121 7.29 10.50 -3.95
N ARG A 122 7.64 10.65 -5.13
N ARG A 122 7.66 10.68 -5.22
CA ARG A 122 6.74 10.27 -6.21
CA ARG A 122 6.77 10.28 -6.31
C ARG A 122 6.52 8.77 -6.27
C ARG A 122 6.54 8.77 -6.34
N VAL A 123 7.60 7.99 -6.15
CA VAL A 123 7.45 6.53 -6.16
C VAL A 123 6.63 6.08 -4.95
N PHE A 124 6.86 6.70 -3.79
CA PHE A 124 6.11 6.33 -2.59
C PHE A 124 4.62 6.53 -2.81
N TYR A 125 4.23 7.68 -3.38
CA TYR A 125 2.81 7.96 -3.52
C TYR A 125 2.19 7.09 -4.61
N LEU A 126 2.93 6.81 -5.68
CA LEU A 126 2.36 5.97 -6.73
C LEU A 126 2.22 4.54 -6.27
N LYS A 127 3.15 4.06 -5.45
CA LYS A 127 2.99 2.75 -4.81
C LYS A 127 1.72 2.71 -3.97
N MET A 128 1.49 3.76 -3.17
CA MET A 128 0.25 3.87 -2.40
C MET A 128 -0.96 3.80 -3.33
N LYS A 129 -0.91 4.54 -4.44
CA LYS A 129 -2.05 4.57 -5.35
C LYS A 129 -2.33 3.17 -5.91
N GLY A 130 -1.27 2.45 -6.28
CA GLY A 130 -1.42 1.07 -6.69
C GLY A 130 -2.03 0.20 -5.60
N ASP A 131 -1.55 0.37 -4.35
CA ASP A 131 -2.04 -0.46 -3.25
C ASP A 131 -3.53 -0.24 -3.01
N TYR A 132 -3.98 1.02 -2.99
CA TYR A 132 -5.39 1.23 -2.64
C TYR A 132 -6.33 0.92 -3.79
N TYR A 133 -5.89 1.03 -5.04
CA TYR A 133 -6.68 0.43 -6.11
C TYR A 133 -6.67 -1.08 -6.03
N ARG A 134 -5.56 -1.68 -5.61
CA ARG A 134 -5.54 -3.14 -5.41
C ARG A 134 -6.54 -3.57 -4.35
N TYR A 135 -6.65 -2.80 -3.27
CA TYR A 135 -7.65 -3.14 -2.24
C TYR A 135 -9.06 -2.99 -2.79
N LEU A 136 -9.31 -1.96 -3.60
CA LEU A 136 -10.61 -1.89 -4.27
C LEU A 136 -10.83 -3.07 -5.19
N ALA A 137 -9.79 -3.51 -5.89
CA ALA A 137 -9.95 -4.64 -6.81
C ALA A 137 -10.29 -5.92 -6.06
N GLU A 138 -9.82 -6.05 -4.81
CA GLU A 138 -10.07 -7.28 -4.05
C GLU A 138 -11.55 -7.52 -3.82
N VAL A 139 -12.34 -6.44 -3.73
CA VAL A 139 -13.77 -6.56 -3.45
C VAL A 139 -14.62 -6.25 -4.66
N ALA A 140 -14.03 -5.92 -5.80
CA ALA A 140 -14.78 -5.53 -6.98
C ALA A 140 -15.30 -6.77 -7.71
N THR A 141 -16.49 -6.65 -8.30
CA THR A 141 -17.11 -7.77 -9.01
C THR A 141 -17.53 -7.35 -10.42
N GLY A 142 -16.66 -7.65 -11.39
CA GLY A 142 -16.98 -7.62 -12.80
C GLY A 142 -17.11 -6.26 -13.45
N ASP A 143 -18.04 -5.44 -12.95
CA ASP A 143 -18.51 -4.21 -13.61
C ASP A 143 -17.38 -3.27 -14.00
N ASP A 144 -16.73 -2.68 -13.01
CA ASP A 144 -15.50 -1.94 -13.22
C ASP A 144 -14.32 -2.61 -12.51
N LYS A 145 -14.46 -3.89 -12.17
CA LYS A 145 -13.31 -4.66 -11.72
C LYS A 145 -12.13 -4.47 -12.68
N LYS A 146 -12.40 -4.57 -13.98
CA LYS A 146 -11.33 -4.43 -14.97
C LYS A 146 -10.72 -3.04 -14.95
N ARG A 147 -11.55 -2.00 -14.86
CA ARG A 147 -10.98 -0.64 -14.87
C ARG A 147 -10.21 -0.36 -13.59
N ILE A 148 -10.69 -0.88 -12.45
CA ILE A 148 -9.96 -0.73 -11.20
C ILE A 148 -8.62 -1.45 -11.26
N ILE A 149 -8.62 -2.67 -11.81
CA ILE A 149 -7.37 -3.43 -11.95
C ILE A 149 -6.38 -2.66 -12.81
N ASP A 150 -6.84 -2.06 -13.91
CA ASP A 150 -5.92 -1.32 -14.75
C ASP A 150 -5.42 -0.05 -14.08
N SER A 151 -6.25 0.55 -13.22
CA SER A 151 -5.79 1.71 -12.46
C SER A 151 -4.68 1.33 -11.50
N ALA A 152 -4.83 0.17 -10.83
CA ALA A 152 -3.75 -0.33 -9.98
C ALA A 152 -2.49 -0.59 -10.80
N ARG A 153 -2.64 -1.32 -11.92
N ARG A 153 -2.65 -1.32 -11.91
CA ARG A 153 -1.49 -1.64 -12.75
CA ARG A 153 -1.51 -1.64 -12.77
C ARG A 153 -0.77 -0.39 -13.22
C ARG A 153 -0.78 -0.38 -13.22
N SER A 154 -1.53 0.61 -13.69
CA SER A 154 -0.93 1.82 -14.23
C SER A 154 -0.15 2.57 -13.18
N ALA A 155 -0.68 2.66 -11.95
CA ALA A 155 0.05 3.33 -10.88
C ALA A 155 1.33 2.58 -10.53
N TYR A 156 1.23 1.26 -10.35
CA TYR A 156 2.43 0.48 -10.06
C TYR A 156 3.46 0.62 -11.17
N GLN A 157 3.00 0.63 -12.43
CA GLN A 157 3.93 0.63 -13.56
C GLN A 157 4.71 1.94 -13.61
N GLU A 158 4.02 3.07 -13.40
N GLU A 158 4.02 3.08 -13.43
CA GLU A 158 4.75 4.35 -13.41
CA GLU A 158 4.72 4.35 -13.38
C GLU A 158 5.74 4.42 -12.26
C GLU A 158 5.77 4.34 -12.27
N ALA A 159 5.36 3.91 -11.08
CA ALA A 159 6.28 3.84 -9.95
C ALA A 159 7.47 2.96 -10.28
N MET A 160 7.24 1.82 -10.92
CA MET A 160 8.34 0.93 -11.30
C MET A 160 9.30 1.63 -12.26
N ASP A 161 8.75 2.29 -13.29
CA ASP A 161 9.61 2.95 -14.26
C ASP A 161 10.50 3.99 -13.60
N ILE A 162 9.95 4.78 -12.68
CA ILE A 162 10.75 5.80 -11.99
C ILE A 162 11.78 5.14 -11.10
N SER A 163 11.39 4.12 -10.33
CA SER A 163 12.30 3.52 -9.36
C SER A 163 13.48 2.87 -10.07
N LYS A 164 13.24 2.27 -11.24
CA LYS A 164 14.33 1.62 -11.96
C LYS A 164 15.30 2.67 -12.52
N LYS A 165 14.80 3.85 -12.87
CA LYS A 165 15.66 4.90 -13.38
C LYS A 165 16.39 5.64 -12.27
N GLU A 166 15.77 5.83 -11.11
CA GLU A 166 16.21 6.82 -10.15
C GLU A 166 16.68 6.26 -8.80
N MET A 167 16.49 4.96 -8.54
CA MET A 167 16.82 4.43 -7.23
C MET A 167 17.71 3.22 -7.38
N PRO A 168 18.59 2.96 -6.40
CA PRO A 168 19.40 1.74 -6.44
C PRO A 168 18.53 0.52 -6.24
N PRO A 169 18.99 -0.66 -6.68
CA PRO A 169 18.15 -1.87 -6.57
C PRO A 169 17.86 -2.27 -5.15
N THR A 170 18.61 -1.78 -4.17
CA THR A 170 18.38 -2.13 -2.78
C THR A 170 17.50 -1.15 -2.03
N ASN A 171 17.07 -0.07 -2.67
CA ASN A 171 16.26 0.94 -2.00
C ASN A 171 15.00 0.30 -1.43
N PRO A 172 14.72 0.46 -0.13
CA PRO A 172 13.57 -0.23 0.47
C PRO A 172 12.23 0.09 -0.18
N ILE A 173 12.03 1.34 -0.62
CA ILE A 173 10.78 1.67 -1.30
C ILE A 173 10.71 0.98 -2.66
N ARG A 174 11.83 0.94 -3.39
CA ARG A 174 11.88 0.20 -4.65
C ARG A 174 11.57 -1.28 -4.42
N LEU A 175 12.16 -1.86 -3.36
CA LEU A 175 11.95 -3.27 -3.07
C LEU A 175 10.51 -3.55 -2.66
N GLY A 176 9.93 -2.70 -1.80
CA GLY A 176 8.56 -2.92 -1.37
C GLY A 176 7.56 -2.70 -2.48
N LEU A 177 7.85 -1.75 -3.37
CA LEU A 177 7.02 -1.57 -4.56
C LEU A 177 7.00 -2.83 -5.41
N ALA A 178 8.19 -3.39 -5.68
CA ALA A 178 8.25 -4.61 -6.48
C ALA A 178 7.54 -5.76 -5.78
N LEU A 179 7.72 -5.87 -4.46
CA LEU A 179 7.01 -6.91 -3.71
C LEU A 179 5.50 -6.81 -3.92
N ASN A 180 4.94 -5.60 -3.74
CA ASN A 180 3.49 -5.45 -3.81
C ASN A 180 2.99 -5.56 -5.25
N PHE A 181 3.77 -5.08 -6.23
CA PHE A 181 3.37 -5.25 -7.62
C PHE A 181 3.37 -6.75 -7.97
N SER A 182 4.32 -7.49 -7.40
N SER A 182 4.31 -7.51 -7.40
CA SER A 182 4.34 -8.94 -7.60
CA SER A 182 4.31 -8.95 -7.64
C SER A 182 3.10 -9.60 -7.00
C SER A 182 3.09 -9.61 -7.00
N VAL A 183 2.68 -9.13 -5.83
CA VAL A 183 1.46 -9.64 -5.22
C VAL A 183 0.25 -9.29 -6.08
N PHE A 184 0.24 -8.08 -6.63
CA PHE A 184 -0.80 -7.68 -7.59
C PHE A 184 -0.89 -8.69 -8.74
N HIS A 185 0.26 -8.99 -9.36
CA HIS A 185 0.28 -9.92 -10.49
C HIS A 185 -0.28 -11.28 -10.07
N TYR A 186 0.11 -11.76 -8.89
CA TYR A 186 -0.27 -13.10 -8.48
C TYR A 186 -1.73 -13.16 -8.07
N GLU A 187 -2.18 -12.20 -7.28
CA GLU A 187 -3.46 -12.29 -6.58
C GLU A 187 -4.59 -11.62 -7.35
N ILE A 188 -4.29 -10.60 -8.14
CA ILE A 188 -5.30 -9.76 -8.77
C ILE A 188 -5.36 -10.01 -10.28
N ALA A 189 -4.19 -9.99 -10.94
CA ALA A 189 -4.12 -10.01 -12.40
C ALA A 189 -4.05 -11.41 -12.97
N ASN A 190 -4.08 -12.46 -12.14
CA ASN A 190 -3.99 -13.85 -12.62
C ASN A 190 -2.77 -14.04 -13.51
N SER A 191 -1.65 -13.47 -13.09
CA SER A 191 -0.38 -13.58 -13.82
C SER A 191 0.71 -14.11 -12.87
N PRO A 192 0.58 -15.36 -12.40
CA PRO A 192 1.58 -15.86 -11.43
C PRO A 192 2.99 -15.94 -12.02
N GLU A 193 3.13 -16.15 -13.33
CA GLU A 193 4.48 -16.22 -13.87
C GLU A 193 5.14 -14.83 -13.86
N GLU A 194 4.36 -13.79 -14.15
CA GLU A 194 4.89 -12.42 -14.03
C GLU A 194 5.25 -12.11 -12.58
N ALA A 195 4.43 -12.55 -11.64
CA ALA A 195 4.72 -12.35 -10.22
C ALA A 195 6.04 -13.00 -9.81
N ILE A 196 6.22 -14.26 -10.21
CA ILE A 196 7.43 -14.98 -9.86
C ILE A 196 8.65 -14.34 -10.52
N SER A 197 8.52 -13.98 -11.80
N SER A 197 8.51 -13.98 -11.81
CA SER A 197 9.65 -13.38 -12.51
CA SER A 197 9.62 -13.37 -12.54
C SER A 197 10.05 -12.05 -11.89
C SER A 197 10.05 -12.06 -11.91
N LEU A 198 9.08 -11.23 -11.52
CA LEU A 198 9.40 -9.94 -10.93
C LEU A 198 10.08 -10.10 -9.58
N ALA A 199 9.56 -11.01 -8.75
CA ALA A 199 10.14 -11.25 -7.43
C ALA A 199 11.57 -11.76 -7.54
N LYS A 200 11.80 -12.70 -8.46
N LYS A 200 11.83 -12.66 -8.49
CA LYS A 200 13.13 -13.27 -8.66
CA LYS A 200 13.18 -13.24 -8.58
C LYS A 200 14.12 -12.20 -9.11
C LYS A 200 14.18 -12.23 -9.15
N THR A 201 13.78 -11.48 -10.19
CA THR A 201 14.67 -10.45 -10.72
C THR A 201 14.93 -9.35 -9.69
N THR A 202 13.90 -8.95 -8.95
CA THR A 202 14.08 -7.95 -7.90
C THR A 202 15.06 -8.44 -6.83
N PHE A 203 14.89 -9.68 -6.38
CA PHE A 203 15.74 -10.24 -5.34
C PHE A 203 17.19 -10.32 -5.83
N ASP A 204 17.39 -10.85 -7.03
CA ASP A 204 18.75 -11.07 -7.53
C ASP A 204 19.48 -9.75 -7.76
N GLU A 205 18.79 -8.73 -8.29
CA GLU A 205 19.46 -7.45 -8.48
C GLU A 205 19.74 -6.74 -7.17
N ALA A 206 18.91 -6.95 -6.13
CA ALA A 206 19.24 -6.39 -4.83
C ALA A 206 20.42 -7.12 -4.20
N MET A 207 20.45 -8.46 -4.32
CA MET A 207 21.56 -9.23 -3.78
C MET A 207 22.90 -8.71 -4.29
N ALA A 208 22.96 -8.39 -5.58
CA ALA A 208 24.21 -7.95 -6.20
C ALA A 208 24.60 -6.53 -5.81
N ASP A 209 23.69 -5.76 -5.21
CA ASP A 209 23.98 -4.39 -4.82
C ASP A 209 24.20 -4.25 -3.31
N LEU A 210 24.06 -5.35 -2.55
CA LEU A 210 24.20 -5.27 -1.09
C LEU A 210 25.60 -4.87 -0.67
N HIS A 211 26.62 -5.19 -1.46
CA HIS A 211 27.99 -4.87 -1.07
C HIS A 211 28.22 -3.37 -0.92
N THR A 212 27.34 -2.52 -1.47
CA THR A 212 27.49 -1.08 -1.40
C THR A 212 26.96 -0.48 -0.11
N LEU A 213 26.30 -1.26 0.74
CA LEU A 213 25.48 -0.72 1.80
C LEU A 213 26.20 -0.74 3.14
N SER A 214 25.85 0.24 3.98
CA SER A 214 26.21 0.21 5.39
C SER A 214 25.46 -0.93 6.10
N GLU A 215 25.87 -1.18 7.35
CA GLU A 215 25.24 -2.24 8.13
C GLU A 215 23.76 -1.96 8.37
N ASP A 216 23.39 -0.69 8.60
CA ASP A 216 22.00 -0.37 8.86
C ASP A 216 21.16 -0.46 7.58
N SER A 217 21.69 0.02 6.46
CA SER A 217 20.97 -0.10 5.19
C SER A 217 20.87 -1.56 4.76
N TYR A 218 21.92 -2.33 5.02
CA TYR A 218 21.90 -3.76 4.72
C TYR A 218 20.76 -4.47 5.44
N LYS A 219 20.54 -4.14 6.71
CA LYS A 219 19.43 -4.73 7.45
C LYS A 219 18.08 -4.33 6.87
N ASP A 220 17.94 -3.06 6.49
CA ASP A 220 16.70 -2.60 5.89
C ASP A 220 16.38 -3.36 4.61
N SER A 221 17.39 -3.51 3.74
CA SER A 221 17.17 -4.13 2.44
C SER A 221 16.96 -5.63 2.57
N THR A 222 17.80 -6.30 3.36
CA THR A 222 17.66 -7.75 3.47
C THR A 222 16.35 -8.15 4.12
N LEU A 223 15.78 -7.29 4.98
CA LEU A 223 14.46 -7.59 5.54
C LEU A 223 13.42 -7.73 4.43
N ILE A 224 13.38 -6.77 3.50
CA ILE A 224 12.38 -6.84 2.45
C ILE A 224 12.73 -7.92 1.44
N MET A 225 14.02 -8.17 1.22
CA MET A 225 14.40 -9.27 0.33
C MET A 225 13.88 -10.59 0.86
N GLN A 226 13.87 -10.77 2.18
CA GLN A 226 13.34 -12.02 2.73
C GLN A 226 11.86 -12.16 2.45
N LEU A 227 11.13 -11.05 2.45
CA LEU A 227 9.71 -11.09 2.10
C LEU A 227 9.50 -11.55 0.66
N LEU A 228 10.34 -11.06 -0.26
CA LEU A 228 10.31 -11.55 -1.63
C LEU A 228 10.59 -13.04 -1.68
N ARG A 229 11.59 -13.49 -0.92
CA ARG A 229 11.94 -14.90 -0.87
C ARG A 229 10.80 -15.73 -0.32
N ASP A 230 10.14 -15.25 0.75
CA ASP A 230 9.01 -15.97 1.33
C ASP A 230 7.92 -16.21 0.28
N ASN A 231 7.62 -15.20 -0.52
CA ASN A 231 6.60 -15.35 -1.55
C ASN A 231 7.04 -16.36 -2.62
N LEU A 232 8.30 -16.26 -3.07
CA LEU A 232 8.79 -17.22 -4.05
C LEU A 232 8.70 -18.65 -3.53
N THR A 233 9.00 -18.83 -2.24
CA THR A 233 8.88 -20.15 -1.63
C THR A 233 7.43 -20.63 -1.63
N LEU A 234 6.49 -19.72 -1.38
CA LEU A 234 5.08 -20.07 -1.41
C LEU A 234 4.60 -20.36 -2.82
N TRP A 235 5.20 -19.69 -3.82
CA TRP A 235 4.71 -19.73 -5.18
C TRP A 235 5.38 -20.79 -6.05
N THR A 236 6.51 -21.34 -5.62
CA THR A 236 7.22 -22.32 -6.44
C THR A 236 7.48 -23.61 -5.68
N ALA B 5 0.30 -15.06 0.18
CA ALA B 5 1.25 -14.09 -0.35
C ALA B 5 1.28 -12.83 0.49
N GLY B 6 2.46 -12.52 1.03
CA GLY B 6 2.62 -11.34 1.83
C GLY B 6 2.99 -10.09 1.04
N ILE B 8 3.89 -5.87 1.70
CA ILE B 8 4.60 -5.13 2.73
C ILE B 8 3.68 -5.04 3.95
N PRO B 9 4.13 -5.52 5.12
CA PRO B 9 3.26 -5.37 6.31
C PRO B 9 2.96 -3.92 6.64
N GLY B 10 3.97 -3.05 6.59
CA GLY B 10 3.79 -1.62 6.68
C GLY B 10 2.82 -1.15 7.75
N ARG B 11 2.74 -1.90 8.85
CA ARG B 11 1.86 -1.57 9.95
C ARG B 11 2.59 -0.93 11.11
N ARG B 12 3.91 -0.72 11.01
CA ARG B 12 4.71 -0.20 12.11
C ARG B 12 5.69 0.84 11.59
N SER B 13 5.49 2.09 11.99
CA SER B 13 6.45 3.19 11.80
C SER B 13 5.91 4.51 12.34
#